data_5CG8
#
_entry.id   5CG8
#
_cell.length_a   83.802
_cell.length_b   107.360
_cell.length_c   167.671
_cell.angle_alpha   90.00
_cell.angle_beta   90.00
_cell.angle_gamma   90.00
#
_symmetry.space_group_name_H-M   'I 21 21 21'
#
loop_
_entity.id
_entity.type
_entity.pdbx_description
1 polymer 'Tet-like dioxygenase'
2 polymer "DNA (5'-D(*AP*GP*AP*AP*TP*TP*CP*CP*GP*TP*TP*CP*CP*A)-3')"
3 polymer "DNA (5'-D(*TP*GP*GP*AP*AP*(5HC)P*GP*GP*AP*AP*TP*TP*CP*T)-3')"
4 non-polymer '2-OXOGLUTARIC ACID'
5 non-polymer 'MANGANESE (II) ION'
6 water water
#
loop_
_entity_poly.entity_id
_entity_poly.type
_entity_poly.pdbx_seq_one_letter_code
_entity_poly.pdbx_strand_id
1 'polypeptide(L)'
;HMINKKSLLQNLLSKCKTTFQQSFTNANITLKDEKWLKNVRTAYFVCDHDGSVELAYLPNVLPKELVEEFTEKFESIQTG
RKKDTGYSGILDNSMPFNYVTADLSQELGQYLSEIVNPQINYYISKLLTCVSSRTINYLVSLNDSYYALNNCLYPSTAFN
SLKPSNDGHRIRKPHKDNLDITPSSLFYFGNFQNTEGYLELTDKNCKVFVQPGDVLFFKGNEYKHVVANITSGWRIGLVY
FAHKGSKTKPYYEDTQKNSLKIHKETK
;
A
2 'polydeoxyribonucleotide' (DA)(DG)(DA)(DA)(DT)(DT)(DC)(DC)(DG)(DT)(DT)(DC)(DC)(DA) B
3 'polydeoxyribonucleotide' (DT)(DG)(DG)(DA)(DA)(5HC)(DG)(DG)(DA)(DA)(DT)(DT)(DC)(DT) C
#
loop_
_chem_comp.id
_chem_comp.type
_chem_comp.name
_chem_comp.formula
5HC DNA linking '2'-deoxy-5-(hydroxymethyl)cytidine 5'-(dihydrogen phosphate)' 'C10 H16 N3 O8 P'
AKG non-polymer '2-OXOGLUTARIC ACID' 'C5 H6 O5'
DA DNA linking 2'-DEOXYADENOSINE-5'-MONOPHOSPHATE 'C10 H14 N5 O6 P'
DC DNA linking 2'-DEOXYCYTIDINE-5'-MONOPHOSPHATE 'C9 H14 N3 O7 P'
DG DNA linking 2'-DEOXYGUANOSINE-5'-MONOPHOSPHATE 'C10 H14 N5 O7 P'
DT DNA linking THYMIDINE-5'-MONOPHOSPHATE 'C10 H15 N2 O8 P'
MN non-polymer 'MANGANESE (II) ION' 'Mn 2'
#
# COMPACT_ATOMS: atom_id res chain seq x y z
N MET A 2 11.25 -24.27 8.44
CA MET A 2 11.69 -24.60 9.78
C MET A 2 10.56 -24.46 10.79
N ILE A 3 9.34 -24.39 10.29
CA ILE A 3 8.16 -24.27 11.15
C ILE A 3 6.92 -24.84 10.46
N ASN A 4 5.90 -25.15 11.26
CA ASN A 4 4.65 -25.70 10.74
C ASN A 4 3.76 -24.60 10.16
N LYS A 5 3.41 -24.74 8.90
CA LYS A 5 2.59 -23.74 8.21
C LYS A 5 1.13 -23.82 8.63
N LYS A 6 0.66 -25.03 8.92
CA LYS A 6 -0.74 -25.24 9.29
C LYS A 6 -1.08 -24.55 10.60
N SER A 7 -0.12 -24.56 11.53
CA SER A 7 -0.31 -23.92 12.83
C SER A 7 -0.15 -22.41 12.72
N LEU A 8 0.79 -21.98 11.89
CA LEU A 8 1.03 -20.56 11.67
C LEU A 8 -0.17 -19.90 11.03
N LEU A 9 -0.79 -20.60 10.08
CA LEU A 9 -2.01 -20.13 9.44
C LEU A 9 -3.14 -20.04 10.46
N GLN A 10 -3.19 -21.01 11.36
CA GLN A 10 -4.20 -21.02 12.42
C GLN A 10 -4.03 -19.82 13.35
N ASN A 11 -2.77 -19.45 13.60
CA ASN A 11 -2.46 -18.28 14.40
C ASN A 11 -2.89 -16.99 13.72
N LEU A 12 -2.47 -16.82 12.46
CA LEU A 12 -2.80 -15.63 11.70
C LEU A 12 -4.31 -15.48 11.49
N LEU A 13 -4.97 -16.59 11.21
CA LEU A 13 -6.42 -16.58 11.05
C LEU A 13 -7.11 -16.19 12.35
N SER A 14 -6.59 -16.68 13.47
CA SER A 14 -7.18 -16.39 14.77
C SER A 14 -7.13 -14.90 15.09
N LYS A 15 -5.97 -14.28 14.86
CA LYS A 15 -5.80 -12.87 15.11
C LYS A 15 -6.65 -12.02 14.17
N CYS A 16 -6.62 -12.36 12.89
CA CYS A 16 -7.36 -11.60 11.88
C CYS A 16 -8.87 -11.70 12.06
N LYS A 17 -9.34 -12.86 12.52
CA LYS A 17 -10.77 -13.07 12.73
C LYS A 17 -11.31 -12.19 13.85
N THR A 18 -10.58 -12.12 14.96
CA THR A 18 -11.01 -11.32 16.10
C THR A 18 -10.82 -9.82 15.84
N THR A 19 -9.73 -9.48 15.15
CA THR A 19 -9.40 -8.08 14.87
C THR A 19 -10.36 -7.43 13.88
N PHE A 20 -10.54 -8.08 12.73
CA PHE A 20 -11.40 -7.52 11.68
C PHE A 20 -12.85 -7.94 11.85
N GLN A 21 -13.10 -8.84 12.80
CA GLN A 21 -14.43 -9.38 13.06
C GLN A 21 -15.09 -9.92 11.79
N GLN A 22 -14.30 -10.67 11.02
CA GLN A 22 -14.78 -11.36 9.83
C GLN A 22 -14.18 -12.76 9.77
N SER A 23 -14.92 -13.71 9.21
CA SER A 23 -14.41 -15.05 9.01
C SER A 23 -13.80 -15.17 7.62
N PHE A 24 -12.55 -15.59 7.55
CA PHE A 24 -11.92 -15.76 6.25
C PHE A 24 -11.90 -17.23 5.88
N THR A 25 -12.75 -17.58 4.91
CA THR A 25 -12.87 -18.95 4.44
C THR A 25 -11.78 -19.29 3.42
N ASN A 26 -11.45 -20.58 3.34
CA ASN A 26 -10.53 -21.09 2.33
C ASN A 26 -9.18 -20.38 2.33
N ALA A 27 -8.73 -19.97 3.51
CA ALA A 27 -7.44 -19.30 3.64
C ALA A 27 -6.31 -20.27 3.31
N ASN A 28 -5.25 -19.74 2.73
CA ASN A 28 -4.10 -20.56 2.35
C ASN A 28 -2.78 -19.94 2.79
N ILE A 29 -1.76 -20.77 2.93
CA ILE A 29 -0.43 -20.30 3.27
C ILE A 29 0.64 -21.10 2.52
N THR A 30 1.63 -20.39 1.99
CA THR A 30 2.75 -21.02 1.29
C THR A 30 4.06 -20.34 1.66
N LEU A 31 5.15 -21.11 1.66
CA LEU A 31 6.47 -20.55 1.88
C LEU A 31 6.95 -19.89 0.59
N LYS A 32 7.81 -18.88 0.72
CA LYS A 32 8.24 -18.08 -0.43
C LYS A 32 8.99 -18.90 -1.48
N ASP A 33 9.62 -19.99 -1.04
CA ASP A 33 10.39 -20.84 -1.95
C ASP A 33 9.48 -21.77 -2.75
N GLU A 34 8.34 -22.14 -2.17
CA GLU A 34 7.43 -23.09 -2.79
C GLU A 34 6.66 -22.49 -3.95
N LYS A 35 5.79 -23.29 -4.56
CA LYS A 35 4.96 -22.82 -5.66
C LYS A 35 3.74 -22.07 -5.13
N TRP A 36 3.61 -20.81 -5.53
CA TRP A 36 2.50 -19.97 -5.08
C TRP A 36 1.23 -20.30 -5.85
N LEU A 37 0.08 -20.04 -5.24
CA LEU A 37 -1.20 -20.21 -5.90
C LEU A 37 -1.28 -19.32 -7.14
N LYS A 38 -1.82 -19.86 -8.23
CA LYS A 38 -1.93 -19.12 -9.48
C LYS A 38 -3.03 -18.06 -9.39
N ASN A 39 -4.11 -18.38 -8.68
CA ASN A 39 -5.23 -17.47 -8.53
C ASN A 39 -5.64 -17.34 -7.07
N VAL A 40 -5.54 -16.14 -6.52
CA VAL A 40 -5.98 -15.93 -5.15
C VAL A 40 -7.20 -15.02 -5.08
N ARG A 41 -8.35 -15.60 -4.81
CA ARG A 41 -9.56 -14.83 -4.55
C ARG A 41 -9.89 -14.71 -3.06
N THR A 42 -9.09 -15.36 -2.21
CA THR A 42 -9.41 -15.44 -0.78
C THR A 42 -8.21 -15.06 0.08
N ALA A 43 -8.35 -15.23 1.39
CA ALA A 43 -7.27 -14.93 2.33
C ALA A 43 -6.01 -15.74 2.00
N TYR A 44 -4.88 -15.05 1.93
CA TYR A 44 -3.63 -15.70 1.54
C TYR A 44 -2.44 -15.12 2.28
N PHE A 45 -1.49 -15.98 2.64
CA PHE A 45 -0.32 -15.56 3.40
C PHE A 45 0.94 -16.20 2.84
N VAL A 46 1.99 -15.39 2.69
CA VAL A 46 3.29 -15.89 2.24
C VAL A 46 4.35 -15.62 3.30
N CYS A 47 5.09 -16.66 3.69
CA CYS A 47 6.08 -16.54 4.74
C CYS A 47 7.44 -17.09 4.35
N ASP A 48 8.47 -16.68 5.06
CA ASP A 48 9.81 -17.23 4.90
C ASP A 48 10.05 -18.33 5.91
N HIS A 49 11.28 -18.83 5.97
CA HIS A 49 11.64 -19.87 6.92
C HIS A 49 11.60 -19.35 8.36
N ASP A 50 11.92 -18.06 8.52
CA ASP A 50 11.96 -17.45 9.85
C ASP A 50 10.55 -17.28 10.43
N GLY A 51 9.54 -17.31 9.57
CA GLY A 51 8.16 -17.19 10.01
C GLY A 51 7.54 -15.85 9.72
N SER A 52 8.35 -14.90 9.28
CA SER A 52 7.88 -13.56 8.95
C SER A 52 6.94 -13.59 7.76
N VAL A 53 5.95 -12.70 7.76
CA VAL A 53 4.99 -12.64 6.68
C VAL A 53 5.38 -11.60 5.63
N GLU A 54 5.75 -12.07 4.44
CA GLU A 54 6.11 -11.16 3.37
C GLU A 54 4.94 -10.84 2.44
N LEU A 55 3.82 -11.56 2.59
CA LEU A 55 2.60 -11.19 1.88
C LEU A 55 1.35 -11.55 2.67
N ALA A 56 0.37 -10.66 2.66
CA ALA A 56 -0.94 -10.93 3.24
C ALA A 56 -2.04 -10.30 2.40
N TYR A 57 -3.08 -11.08 2.09
CA TYR A 57 -4.22 -10.54 1.37
C TYR A 57 -5.53 -10.87 2.08
N LEU A 58 -6.20 -9.82 2.57
CA LEU A 58 -7.47 -9.99 3.27
C LEU A 58 -8.61 -9.33 2.51
N PRO A 59 -9.54 -10.13 2.00
CA PRO A 59 -10.67 -9.64 1.19
C PRO A 59 -11.68 -8.82 2.00
N ASN A 60 -12.11 -7.69 1.45
CA ASN A 60 -13.19 -6.85 1.98
C ASN A 60 -13.14 -6.61 3.50
N VAL A 61 -12.09 -5.94 3.97
CA VAL A 61 -12.01 -5.57 5.37
C VAL A 61 -12.55 -4.16 5.62
N LEU A 62 -12.81 -3.43 4.55
CA LEU A 62 -13.31 -2.07 4.65
C LEU A 62 -14.82 -2.03 4.54
N PRO A 63 -15.48 -1.30 5.46
CA PRO A 63 -16.93 -1.11 5.41
C PRO A 63 -17.36 -0.45 4.09
N LYS A 64 -18.43 -0.95 3.50
CA LYS A 64 -18.89 -0.51 2.18
C LYS A 64 -19.16 0.99 2.14
N GLU A 65 -19.65 1.54 3.24
CA GLU A 65 -19.96 2.96 3.33
C GLU A 65 -18.71 3.81 3.16
N LEU A 66 -17.58 3.30 3.67
CA LEU A 66 -16.32 4.00 3.60
C LEU A 66 -15.72 3.94 2.19
N VAL A 67 -15.80 2.76 1.58
CA VAL A 67 -15.27 2.56 0.23
C VAL A 67 -16.02 3.43 -0.77
N GLU A 68 -17.34 3.49 -0.62
CA GLU A 68 -18.18 4.25 -1.54
C GLU A 68 -17.95 5.76 -1.43
N GLU A 69 -17.84 6.26 -0.20
CA GLU A 69 -17.66 7.69 0.00
C GLU A 69 -16.28 8.15 -0.47
N PHE A 70 -15.26 7.36 -0.17
CA PHE A 70 -13.90 7.69 -0.59
C PHE A 70 -13.78 7.67 -2.10
N THR A 71 -14.43 6.69 -2.72
CA THR A 71 -14.44 6.53 -4.18
C THR A 71 -15.03 7.77 -4.86
N GLU A 72 -16.20 8.19 -4.39
CA GLU A 72 -16.89 9.33 -4.97
C GLU A 72 -16.05 10.60 -4.89
N LYS A 73 -15.41 10.81 -3.75
CA LYS A 73 -14.56 11.98 -3.55
C LYS A 73 -13.27 11.87 -4.38
N PHE A 74 -12.68 10.68 -4.41
CA PHE A 74 -11.47 10.44 -5.19
C PHE A 74 -11.70 10.72 -6.67
N GLU A 75 -12.82 10.21 -7.20
CA GLU A 75 -13.15 10.41 -8.60
C GLU A 75 -13.44 11.88 -8.89
N SER A 76 -14.02 12.56 -7.91
CA SER A 76 -14.35 13.98 -8.05
C SER A 76 -13.10 14.84 -8.15
N ILE A 77 -12.12 14.54 -7.31
CA ILE A 77 -10.86 15.28 -7.28
C ILE A 77 -9.97 14.96 -8.47
N GLN A 78 -9.88 13.67 -8.81
CA GLN A 78 -9.00 13.22 -9.87
C GLN A 78 -9.41 13.76 -11.24
N THR A 79 -10.70 14.05 -11.40
CA THR A 79 -11.21 14.62 -12.64
C THR A 79 -10.51 15.93 -12.99
N GLY A 80 -10.24 16.74 -11.98
CA GLY A 80 -9.58 18.01 -12.16
C GLY A 80 -8.06 17.92 -12.06
N ARG A 81 -7.53 16.71 -12.23
CA ARG A 81 -6.09 16.50 -12.16
C ARG A 81 -5.53 15.96 -13.48
N LYS A 82 -4.38 16.48 -13.89
CA LYS A 82 -3.74 16.08 -15.12
C LYS A 82 -3.03 14.73 -14.97
N LYS A 83 -2.27 14.57 -13.90
CA LYS A 83 -1.50 13.36 -13.68
C LYS A 83 -2.34 12.22 -13.11
N ASP A 84 -1.97 10.98 -13.44
CA ASP A 84 -2.71 9.81 -12.98
C ASP A 84 -2.19 9.29 -11.64
N THR A 85 -1.20 10.00 -11.09
CA THR A 85 -0.66 9.66 -9.78
C THR A 85 -0.60 10.88 -8.87
N GLY A 86 -0.63 10.64 -7.56
CA GLY A 86 -0.52 11.70 -6.58
C GLY A 86 0.09 11.16 -5.30
N TYR A 87 0.65 12.05 -4.50
CA TYR A 87 1.37 11.62 -3.31
C TYR A 87 1.17 12.57 -2.13
N SER A 88 1.05 12.00 -0.93
CA SER A 88 1.00 12.77 0.30
C SER A 88 2.09 12.27 1.24
N GLY A 89 2.43 13.06 2.25
CA GLY A 89 3.53 12.71 3.12
C GLY A 89 4.86 13.13 2.51
N ILE A 90 5.89 12.31 2.71
CA ILE A 90 7.23 12.65 2.24
C ILE A 90 7.71 11.76 1.10
N LEU A 91 8.57 12.33 0.26
CA LEU A 91 9.25 11.58 -0.80
C LEU A 91 10.74 11.91 -0.79
N ASP A 92 11.59 10.90 -0.84
CA ASP A 92 13.03 11.12 -0.93
C ASP A 92 13.56 11.03 -2.37
N ASN A 93 12.66 10.81 -3.32
CA ASN A 93 13.05 10.56 -4.71
C ASN A 93 13.94 11.63 -5.32
N SER A 94 15.05 11.17 -5.92
CA SER A 94 15.98 12.01 -6.68
C SER A 94 16.77 13.01 -5.83
N MET A 95 16.47 13.07 -4.54
CA MET A 95 17.13 14.03 -3.65
C MET A 95 17.73 13.34 -2.44
N PRO A 96 18.88 13.83 -1.94
CA PRO A 96 19.38 13.23 -0.71
C PRO A 96 18.77 13.89 0.52
N PHE A 97 17.44 14.01 0.51
CA PHE A 97 16.68 14.48 1.66
C PHE A 97 15.22 14.06 1.49
N ASN A 98 14.46 14.07 2.57
CA ASN A 98 13.02 13.89 2.47
C ASN A 98 12.33 15.24 2.32
N TYR A 99 11.37 15.32 1.41
CA TYR A 99 10.66 16.57 1.17
C TYR A 99 9.15 16.37 1.14
N VAL A 100 8.42 17.46 1.40
CA VAL A 100 6.96 17.44 1.36
C VAL A 100 6.50 17.36 -0.09
N THR A 101 5.57 16.45 -0.35
CA THR A 101 5.04 16.26 -1.69
C THR A 101 4.32 17.52 -2.19
N ALA A 102 4.36 17.73 -3.50
CA ALA A 102 3.75 18.90 -4.12
C ALA A 102 2.22 18.83 -4.06
N ASP A 103 1.70 17.61 -3.95
CA ASP A 103 0.25 17.40 -3.95
C ASP A 103 -0.39 17.66 -2.60
N LEU A 104 0.42 17.65 -1.55
CA LEU A 104 -0.10 17.82 -0.18
C LEU A 104 -0.82 19.15 -0.01
N SER A 105 -0.35 20.17 -0.73
CA SER A 105 -0.98 21.48 -0.68
C SER A 105 -2.24 21.51 -1.54
N GLN A 106 -2.33 20.59 -2.50
CA GLN A 106 -3.47 20.54 -3.40
C GLN A 106 -4.66 19.82 -2.77
N GLU A 107 -5.76 19.72 -3.52
CA GLU A 107 -7.00 19.15 -3.00
C GLU A 107 -6.86 17.67 -2.67
N LEU A 108 -6.09 16.95 -3.48
CA LEU A 108 -5.87 15.52 -3.28
C LEU A 108 -5.08 15.25 -2.00
N GLY A 109 -4.00 16.00 -1.82
CA GLY A 109 -3.15 15.84 -0.65
C GLY A 109 -3.87 16.19 0.65
N GLN A 110 -4.71 17.22 0.58
CA GLN A 110 -5.49 17.63 1.74
C GLN A 110 -6.50 16.56 2.14
N TYR A 111 -7.20 16.02 1.15
CA TYR A 111 -8.22 15.02 1.41
C TYR A 111 -7.63 13.74 1.97
N LEU A 112 -6.47 13.34 1.46
CA LEU A 112 -5.79 12.14 1.93
C LEU A 112 -5.33 12.31 3.37
N SER A 113 -4.57 13.38 3.62
CA SER A 113 -3.95 13.59 4.93
C SER A 113 -4.97 13.91 6.03
N GLU A 114 -5.89 14.81 5.74
CA GLU A 114 -6.85 15.26 6.76
C GLU A 114 -8.01 14.30 6.99
N ILE A 115 -8.53 13.71 5.92
CA ILE A 115 -9.72 12.88 6.02
C ILE A 115 -9.41 11.39 5.91
N VAL A 116 -8.91 10.96 4.76
CA VAL A 116 -8.72 9.54 4.46
C VAL A 116 -7.75 8.83 5.41
N ASN A 117 -6.53 9.34 5.50
CA ASN A 117 -5.47 8.70 6.27
C ASN A 117 -5.79 8.46 7.75
N PRO A 118 -6.40 9.44 8.45
CA PRO A 118 -6.69 9.17 9.87
C PRO A 118 -7.64 7.99 10.08
N GLN A 119 -8.55 7.76 9.13
CA GLN A 119 -9.46 6.64 9.22
C GLN A 119 -8.79 5.34 8.77
N ILE A 120 -8.00 5.41 7.72
CA ILE A 120 -7.30 4.25 7.18
C ILE A 120 -6.18 3.82 8.13
N ASN A 121 -5.64 4.77 8.89
CA ASN A 121 -4.58 4.49 9.86
C ASN A 121 -5.00 3.43 10.88
N TYR A 122 -6.30 3.37 11.16
CA TYR A 122 -6.85 2.41 12.10
C TYR A 122 -6.79 0.99 11.53
N TYR A 123 -7.17 0.86 10.26
CA TYR A 123 -7.16 -0.44 9.60
C TYR A 123 -5.74 -0.89 9.27
N ILE A 124 -4.84 0.08 9.18
CA ILE A 124 -3.42 -0.22 9.05
C ILE A 124 -2.90 -0.79 10.37
N SER A 125 -3.33 -0.17 11.47
CA SER A 125 -2.98 -0.65 12.80
C SER A 125 -3.53 -2.05 13.01
N LYS A 126 -4.77 -2.27 12.58
CA LYS A 126 -5.39 -3.59 12.59
C LYS A 126 -4.52 -4.60 11.85
N LEU A 127 -4.16 -4.25 10.62
CA LEU A 127 -3.42 -5.13 9.74
C LEU A 127 -2.06 -5.51 10.31
N LEU A 128 -1.29 -4.51 10.70
CA LEU A 128 0.09 -4.72 11.14
C LEU A 128 0.19 -5.53 12.43
N THR A 129 -0.67 -5.22 13.40
CA THR A 129 -0.64 -5.94 14.67
C THR A 129 -0.99 -7.42 14.48
N CYS A 130 -1.54 -7.74 13.32
CA CYS A 130 -1.82 -9.13 12.96
C CYS A 130 -0.66 -9.76 12.21
N VAL A 131 -0.41 -9.28 10.99
CA VAL A 131 0.54 -9.94 10.10
C VAL A 131 2.02 -9.65 10.38
N SER A 132 2.38 -8.39 10.65
CA SER A 132 3.79 -8.04 10.83
C SER A 132 4.05 -7.16 12.05
N SER A 133 4.80 -7.69 13.00
CA SER A 133 5.22 -6.92 14.17
C SER A 133 6.42 -6.05 13.82
N ARG A 134 7.33 -6.59 13.01
CA ARG A 134 8.55 -5.90 12.62
C ARG A 134 8.27 -4.58 11.90
N THR A 135 7.21 -4.57 11.10
CA THR A 135 6.87 -3.38 10.32
C THR A 135 6.43 -2.23 11.22
N ILE A 136 5.47 -2.49 12.11
CA ILE A 136 4.92 -1.44 12.96
C ILE A 136 5.94 -1.00 14.02
N ASN A 137 6.83 -1.91 14.40
CA ASN A 137 7.90 -1.58 15.33
C ASN A 137 8.85 -0.57 14.72
N TYR A 138 9.03 -0.68 13.41
CA TYR A 138 9.87 0.24 12.66
C TYR A 138 9.17 1.57 12.42
N LEU A 139 7.89 1.51 12.08
CA LEU A 139 7.13 2.70 11.71
C LEU A 139 6.95 3.68 12.86
N VAL A 140 6.93 3.17 14.09
CA VAL A 140 6.75 4.01 15.25
C VAL A 140 8.05 4.67 15.70
N SER A 141 9.15 4.28 15.08
CA SER A 141 10.47 4.84 15.42
C SER A 141 10.82 6.03 14.52
N LEU A 142 9.94 6.32 13.56
CA LEU A 142 10.16 7.43 12.64
C LEU A 142 9.95 8.77 13.31
N ASN A 143 10.50 9.82 12.72
CA ASN A 143 10.34 11.18 13.22
C ASN A 143 8.87 11.55 13.37
N ASP A 144 8.53 12.22 14.47
CA ASP A 144 7.15 12.60 14.77
C ASP A 144 6.56 13.49 13.68
N SER A 145 7.43 14.27 13.03
CA SER A 145 7.01 15.18 11.97
C SER A 145 6.35 14.43 10.82
N TYR A 146 6.83 13.22 10.53
CA TYR A 146 6.29 12.41 9.45
C TYR A 146 4.88 11.97 9.78
N TYR A 147 4.69 11.50 11.01
CA TYR A 147 3.38 11.05 11.46
C TYR A 147 2.38 12.19 11.49
N ALA A 148 2.83 13.36 11.93
CA ALA A 148 1.96 14.53 11.98
C ALA A 148 1.63 15.03 10.58
N LEU A 149 2.59 14.90 9.67
CA LEU A 149 2.42 15.38 8.30
C LEU A 149 1.42 14.55 7.52
N ASN A 150 1.61 13.23 7.52
CA ASN A 150 0.77 12.35 6.73
C ASN A 150 -0.41 11.78 7.51
N ASN A 151 -0.46 12.11 8.81
CA ASN A 151 -1.51 11.61 9.71
C ASN A 151 -1.67 10.09 9.63
N CYS A 152 -0.55 9.40 9.52
CA CYS A 152 -0.55 7.95 9.39
C CYS A 152 0.77 7.35 9.86
N LEU A 153 0.76 6.06 10.18
CA LEU A 153 1.97 5.36 10.59
C LEU A 153 2.99 5.32 9.45
N TYR A 154 2.50 5.10 8.24
CA TYR A 154 3.32 5.18 7.03
C TYR A 154 3.56 6.65 6.68
N PRO A 155 4.84 7.03 6.51
CA PRO A 155 5.24 8.40 6.21
C PRO A 155 4.81 8.85 4.81
N SER A 156 4.53 7.91 3.93
CA SER A 156 4.21 8.24 2.55
C SER A 156 2.99 7.50 2.03
N THR A 157 2.17 8.20 1.23
CA THR A 157 0.99 7.59 0.63
C THR A 157 0.95 7.87 -0.87
N ALA A 158 0.77 6.81 -1.65
CA ALA A 158 0.67 6.93 -3.10
C ALA A 158 -0.76 6.77 -3.56
N PHE A 159 -1.18 7.58 -4.53
CA PHE A 159 -2.53 7.52 -5.06
C PHE A 159 -2.51 7.11 -6.52
N ASN A 160 -3.02 5.91 -6.81
CA ASN A 160 -3.00 5.39 -8.17
C ASN A 160 -4.38 5.38 -8.82
N SER A 161 -4.55 6.24 -9.82
CA SER A 161 -5.79 6.27 -10.59
C SER A 161 -5.59 5.57 -11.93
N LEU A 162 -6.21 4.41 -12.09
CA LEU A 162 -6.08 3.66 -13.33
C LEU A 162 -7.41 3.60 -14.07
N LYS A 163 -7.49 4.31 -15.19
CA LYS A 163 -8.65 4.24 -16.06
C LYS A 163 -8.43 3.14 -17.12
N PRO A 164 -9.52 2.61 -17.68
CA PRO A 164 -9.42 1.56 -18.69
C PRO A 164 -8.51 1.91 -19.87
N SER A 165 -7.74 0.92 -20.32
CA SER A 165 -6.91 1.03 -21.52
C SER A 165 -5.81 2.09 -21.41
N ASN A 166 -5.31 2.32 -20.21
CA ASN A 166 -4.10 3.13 -20.04
C ASN A 166 -2.92 2.21 -19.77
N ASP A 167 -2.05 2.07 -20.76
CA ASP A 167 -0.88 1.20 -20.65
C ASP A 167 0.36 1.95 -20.18
N GLY A 168 0.26 3.26 -20.10
CA GLY A 168 1.41 4.09 -19.76
C GLY A 168 1.59 4.31 -18.27
N HIS A 169 0.60 3.88 -17.50
CA HIS A 169 0.66 4.01 -16.04
C HIS A 169 1.82 3.19 -15.49
N ARG A 170 2.48 3.70 -14.45
CA ARG A 170 3.67 3.07 -13.91
C ARG A 170 3.38 1.72 -13.28
N ILE A 171 2.14 1.50 -12.87
CA ILE A 171 1.76 0.22 -12.26
C ILE A 171 1.42 -0.80 -13.33
N ARG A 172 1.32 -0.33 -14.58
CA ARG A 172 1.04 -1.22 -15.71
C ARG A 172 2.31 -1.85 -16.27
N LYS A 173 3.46 -1.32 -15.85
CA LYS A 173 4.74 -1.89 -16.22
C LYS A 173 5.32 -2.71 -15.07
N PRO A 174 5.72 -3.95 -15.35
CA PRO A 174 6.32 -4.83 -14.34
C PRO A 174 7.53 -4.16 -13.67
N HIS A 175 7.55 -4.17 -12.34
CA HIS A 175 8.59 -3.43 -11.61
C HIS A 175 8.76 -3.89 -10.19
N LYS A 176 9.70 -3.26 -9.50
CA LYS A 176 9.86 -3.38 -8.06
C LYS A 176 10.00 -1.97 -7.52
N ASP A 177 9.56 -1.73 -6.30
CA ASP A 177 9.84 -0.44 -5.69
C ASP A 177 11.00 -0.66 -4.74
N ASN A 178 12.16 -0.17 -5.12
CA ASN A 178 13.41 -0.58 -4.49
C ASN A 178 13.86 0.36 -3.38
N LEU A 179 13.10 1.44 -3.19
CA LEU A 179 13.40 2.37 -2.11
C LEU A 179 12.71 1.94 -0.82
N ASP A 180 11.77 0.99 -0.93
CA ASP A 180 10.97 0.59 0.22
C ASP A 180 11.79 -0.19 1.24
N ILE A 181 11.80 0.30 2.47
CA ILE A 181 12.49 -0.37 3.57
C ILE A 181 11.57 -1.37 4.28
N THR A 182 10.27 -1.26 4.03
CA THR A 182 9.27 -2.12 4.66
C THR A 182 8.16 -2.46 3.67
N PRO A 183 7.54 -3.63 3.85
CA PRO A 183 6.39 -4.04 3.03
C PRO A 183 5.23 -3.04 3.11
N SER A 184 4.71 -2.65 1.94
CA SER A 184 3.65 -1.64 1.85
C SER A 184 2.27 -2.20 2.18
N SER A 185 1.38 -1.33 2.63
CA SER A 185 -0.02 -1.68 2.83
C SER A 185 -0.87 -1.05 1.75
N LEU A 186 -1.68 -1.86 1.07
CA LEU A 186 -2.44 -1.40 -0.09
C LEU A 186 -3.95 -1.51 0.11
N PHE A 187 -4.66 -0.45 -0.23
CA PHE A 187 -6.12 -0.40 -0.15
C PHE A 187 -6.68 -0.07 -1.52
N TYR A 188 -7.85 -0.60 -1.85
CA TYR A 188 -8.40 -0.40 -3.19
C TYR A 188 -9.80 0.19 -3.17
N PHE A 189 -10.09 1.02 -4.17
CA PHE A 189 -11.36 1.71 -4.27
C PHE A 189 -11.85 1.73 -5.72
N GLY A 190 -12.94 2.47 -5.97
CA GLY A 190 -13.52 2.52 -7.30
C GLY A 190 -14.43 1.34 -7.56
N ASN A 191 -14.65 1.02 -8.83
CA ASN A 191 -15.34 -0.20 -9.19
C ASN A 191 -14.74 -0.85 -10.44
N PHE A 192 -14.41 -2.14 -10.36
CA PHE A 192 -13.92 -2.87 -11.52
C PHE A 192 -14.16 -4.38 -11.35
N GLN A 193 -14.12 -5.10 -12.46
CA GLN A 193 -14.56 -6.49 -12.50
C GLN A 193 -13.66 -7.44 -11.71
N ASN A 194 -14.24 -8.57 -11.32
CA ASN A 194 -13.55 -9.60 -10.54
CA ASN A 194 -13.54 -9.59 -10.55
C ASN A 194 -12.38 -10.22 -11.30
N THR A 195 -12.48 -10.22 -12.63
CA THR A 195 -11.48 -10.86 -13.48
C THR A 195 -10.39 -9.92 -13.99
N GLU A 196 -10.47 -8.64 -13.64
CA GLU A 196 -9.52 -7.66 -14.16
C GLU A 196 -8.91 -6.79 -13.08
N GLY A 197 -7.82 -6.10 -13.43
CA GLY A 197 -7.15 -5.20 -12.52
C GLY A 197 -6.42 -5.93 -11.40
N TYR A 198 -6.18 -7.22 -11.60
CA TYR A 198 -5.50 -8.03 -10.60
C TYR A 198 -4.03 -7.65 -10.50
N LEU A 199 -3.46 -7.78 -9.29
CA LEU A 199 -2.03 -7.60 -9.13
C LEU A 199 -1.34 -8.92 -9.40
N GLU A 200 -0.41 -8.93 -10.34
CA GLU A 200 0.31 -10.15 -10.68
C GLU A 200 1.77 -10.07 -10.25
N LEU A 201 2.21 -11.09 -9.52
CA LEU A 201 3.62 -11.22 -9.20
C LEU A 201 4.23 -12.12 -10.28
N THR A 202 5.08 -11.52 -11.11
CA THR A 202 5.49 -12.16 -12.35
C THR A 202 6.46 -13.33 -12.15
N ASP A 203 7.40 -13.17 -11.23
CA ASP A 203 8.40 -14.19 -10.99
C ASP A 203 7.81 -15.40 -10.27
N LYS A 204 6.80 -15.16 -9.44
CA LYS A 204 6.15 -16.23 -8.70
C LYS A 204 4.93 -16.76 -9.46
N ASN A 205 4.62 -16.13 -10.58
CA ASN A 205 3.46 -16.48 -11.40
C ASN A 205 2.18 -16.58 -10.59
N CYS A 206 1.91 -15.54 -9.80
CA CYS A 206 0.73 -15.51 -8.94
C CYS A 206 -0.15 -14.31 -9.23
N LYS A 207 -1.44 -14.56 -9.46
CA LYS A 207 -2.38 -13.49 -9.74
C LYS A 207 -3.34 -13.29 -8.57
N VAL A 208 -3.19 -12.16 -7.90
CA VAL A 208 -4.09 -11.80 -6.81
C VAL A 208 -5.18 -10.89 -7.34
N PHE A 209 -6.43 -11.33 -7.24
CA PHE A 209 -7.53 -10.55 -7.77
C PHE A 209 -8.08 -9.66 -6.68
N VAL A 210 -7.89 -8.35 -6.84
CA VAL A 210 -8.27 -7.41 -5.81
C VAL A 210 -9.56 -6.70 -6.16
N GLN A 211 -10.40 -6.50 -5.15
CA GLN A 211 -11.64 -5.75 -5.31
C GLN A 211 -11.63 -4.60 -4.32
N PRO A 212 -12.46 -3.57 -4.58
CA PRO A 212 -12.57 -2.44 -3.66
C PRO A 212 -12.92 -2.89 -2.23
N GLY A 213 -12.17 -2.40 -1.26
CA GLY A 213 -12.38 -2.78 0.14
C GLY A 213 -11.35 -3.75 0.65
N ASP A 214 -10.65 -4.42 -0.27
CA ASP A 214 -9.61 -5.39 0.10
C ASP A 214 -8.35 -4.70 0.59
N VAL A 215 -7.55 -5.44 1.36
CA VAL A 215 -6.22 -4.97 1.73
C VAL A 215 -5.15 -5.93 1.23
N LEU A 216 -4.01 -5.37 0.83
CA LEU A 216 -2.88 -6.18 0.41
C LEU A 216 -1.59 -5.68 1.05
N PHE A 217 -0.94 -6.58 1.76
CA PHE A 217 0.31 -6.28 2.46
C PHE A 217 1.41 -7.16 1.92
N PHE A 218 2.38 -6.57 1.22
CA PHE A 218 3.47 -7.34 0.65
C PHE A 218 4.71 -6.48 0.40
N LYS A 219 5.86 -7.13 0.25
CA LYS A 219 7.10 -6.42 -0.05
C LYS A 219 7.14 -6.01 -1.50
N GLY A 220 7.28 -4.71 -1.75
CA GLY A 220 7.30 -4.20 -3.11
C GLY A 220 8.69 -4.23 -3.71
N ASN A 221 9.72 -4.29 -2.87
CA ASN A 221 11.09 -4.30 -3.32
C ASN A 221 11.55 -5.68 -3.81
N GLU A 222 11.18 -6.72 -3.07
CA GLU A 222 11.65 -8.07 -3.36
C GLU A 222 10.91 -8.72 -4.54
N TYR A 223 9.59 -8.62 -4.55
CA TYR A 223 8.78 -9.31 -5.54
C TYR A 223 8.35 -8.40 -6.68
N LYS A 224 8.83 -8.71 -7.89
CA LYS A 224 8.44 -7.97 -9.08
C LYS A 224 6.94 -8.14 -9.34
N HIS A 225 6.25 -7.03 -9.54
CA HIS A 225 4.80 -7.07 -9.67
C HIS A 225 4.29 -6.12 -10.75
N VAL A 226 3.06 -6.36 -11.20
CA VAL A 226 2.44 -5.53 -12.20
C VAL A 226 0.92 -5.55 -12.04
N VAL A 227 0.26 -4.48 -12.45
CA VAL A 227 -1.20 -4.42 -12.41
C VAL A 227 -1.77 -4.68 -13.81
N ALA A 228 -2.74 -5.58 -13.89
CA ALA A 228 -3.38 -5.91 -15.15
C ALA A 228 -4.32 -4.81 -15.63
N ASN A 229 -4.59 -4.81 -16.93
CA ASN A 229 -5.50 -3.84 -17.53
C ASN A 229 -6.96 -4.09 -17.16
N ILE A 230 -7.75 -3.02 -17.11
CA ILE A 230 -9.19 -3.15 -16.95
C ILE A 230 -9.90 -2.64 -18.21
N THR A 231 -10.91 -3.37 -18.66
CA THR A 231 -11.65 -2.98 -19.85
C THR A 231 -12.86 -2.11 -19.49
N SER A 232 -13.14 -2.02 -18.20
CA SER A 232 -14.30 -1.26 -17.72
C SER A 232 -14.12 -0.83 -16.26
N GLY A 233 -14.92 0.16 -15.85
CA GLY A 233 -14.88 0.63 -14.49
C GLY A 233 -13.74 1.60 -14.22
N TRP A 234 -13.45 1.81 -12.95
CA TRP A 234 -12.35 2.69 -12.55
C TRP A 234 -11.57 2.03 -11.42
N ARG A 235 -10.26 1.86 -11.62
CA ARG A 235 -9.45 1.23 -10.59
C ARG A 235 -8.66 2.28 -9.81
N ILE A 236 -9.05 2.47 -8.56
CA ILE A 236 -8.39 3.42 -7.69
C ILE A 236 -7.83 2.68 -6.48
N GLY A 237 -6.59 3.01 -6.10
CA GLY A 237 -5.98 2.36 -4.97
C GLY A 237 -4.98 3.24 -4.24
N LEU A 238 -4.72 2.89 -2.98
CA LEU A 238 -3.79 3.63 -2.15
C LEU A 238 -2.64 2.73 -1.74
N VAL A 239 -1.42 3.25 -1.82
CA VAL A 239 -0.26 2.51 -1.37
C VAL A 239 0.43 3.24 -0.23
N TYR A 240 0.39 2.65 0.96
CA TYR A 240 1.06 3.21 2.12
C TYR A 240 2.42 2.56 2.30
N PHE A 241 3.48 3.35 2.18
CA PHE A 241 4.83 2.81 2.19
C PHE A 241 5.80 3.67 2.98
N ALA A 242 7.03 3.19 3.08
CA ALA A 242 8.13 3.95 3.68
C ALA A 242 9.41 3.65 2.92
N HIS A 243 10.18 4.68 2.62
CA HIS A 243 11.44 4.49 1.91
C HIS A 243 12.60 4.30 2.88
N LYS A 244 13.78 4.07 2.33
CA LYS A 244 14.98 3.95 3.15
C LYS A 244 15.38 5.33 3.64
N GLY A 245 15.10 6.34 2.81
CA GLY A 245 15.46 7.71 3.11
C GLY A 245 14.72 8.28 4.31
N SER A 246 13.64 7.63 4.72
CA SER A 246 12.88 8.07 5.88
C SER A 246 13.76 8.10 7.12
N LYS A 247 14.48 7.00 7.35
CA LYS A 247 15.44 6.93 8.45
C LYS A 247 16.78 7.58 8.12
N THR A 248 17.30 7.33 6.92
CA THR A 248 18.66 7.73 6.57
C THR A 248 18.82 9.21 6.23
N LYS A 249 17.93 9.73 5.39
CA LYS A 249 18.08 11.09 4.86
C LYS A 249 17.43 12.13 5.78
N PRO A 250 17.93 13.38 5.73
CA PRO A 250 17.39 14.39 6.64
C PRO A 250 16.06 14.99 6.17
N TYR A 251 15.49 15.87 6.99
CA TYR A 251 14.20 16.46 6.67
C TYR A 251 14.18 17.97 6.97
N TYR A 252 13.97 18.77 5.93
CA TYR A 252 13.95 20.22 6.08
C TYR A 252 12.55 20.82 6.19
N GLU A 253 11.53 19.95 6.18
CA GLU A 253 10.14 20.33 6.38
C GLU A 253 9.64 21.31 5.30
N ASP A 254 10.13 21.12 4.08
CA ASP A 254 9.73 21.96 2.95
C ASP A 254 9.59 21.12 1.69
N THR A 255 9.02 21.70 0.63
CA THR A 255 8.86 20.98 -0.63
C THR A 255 10.20 20.78 -1.31
N GLN A 256 10.20 20.13 -2.48
CA GLN A 256 11.43 19.65 -3.10
C GLN A 256 12.43 20.75 -3.45
N LYS A 257 11.99 21.72 -4.25
CA LYS A 257 12.90 22.77 -4.73
C LYS A 257 13.44 23.61 -3.59
N ASN A 258 12.57 24.01 -2.67
CA ASN A 258 12.97 24.82 -1.53
C ASN A 258 13.93 24.07 -0.60
N SER A 259 13.71 22.77 -0.43
CA SER A 259 14.54 21.97 0.46
C SER A 259 15.94 21.78 -0.11
N LEU A 260 16.04 21.81 -1.44
CA LEU A 260 17.34 21.68 -2.10
C LEU A 260 18.20 22.91 -1.81
N LYS A 261 17.59 24.09 -1.85
CA LYS A 261 18.28 25.32 -1.52
C LYS A 261 18.71 25.31 -0.07
N ILE A 262 17.83 24.85 0.80
CA ILE A 262 18.12 24.73 2.23
C ILE A 262 19.21 23.69 2.46
N HIS A 263 19.14 22.59 1.74
CA HIS A 263 20.13 21.50 1.88
C HIS A 263 21.54 21.96 1.56
N LYS A 264 21.69 22.68 0.44
CA LYS A 264 23.00 23.14 0.00
C LYS A 264 23.60 24.17 0.95
N GLU A 265 22.76 25.05 1.48
CA GLU A 265 23.22 26.13 2.35
C GLU A 265 23.65 25.62 3.72
N THR A 266 23.30 24.38 4.03
CA THR A 266 23.76 23.75 5.28
C THR A 266 25.03 22.95 5.02
N LYS A 267 25.47 22.91 3.76
CA LYS A 267 26.66 22.17 3.38
C LYS A 267 27.75 23.11 2.88
P 5HC C 6 8.64 4.21 -11.27
OP1 5HC C 6 7.98 2.75 -11.04
OP2 5HC C 6 7.75 5.08 -12.06
O5' 5HC C 6 9.04 4.89 -9.87
C5' 5HC C 6 9.10 6.31 -9.71
C4' 5HC C 6 7.77 6.75 -9.10
O4' 5HC C 6 7.36 5.74 -8.16
C3' 5HC C 6 7.89 8.06 -8.29
O3' 5HC C 6 7.16 9.10 -8.93
C2' 5HC C 6 7.23 7.75 -6.92
C1' 5HC C 6 6.59 6.36 -7.12
N1 5HC C 6 6.61 5.45 -5.96
C2 5HC C 6 7.72 5.17 -5.23
O2 5HC C 6 8.79 5.68 -5.49
N3 5HC C 6 7.65 4.32 -4.21
C4 5HC C 6 6.52 3.71 -3.87
N4 5HC C 6 6.49 2.84 -2.81
C5 5HC C 6 5.35 3.97 -4.61
C5M 5HC C 6 4.05 3.30 -4.26
O5 5HC C 6 4.24 1.88 -4.28
C6 5HC C 6 5.43 4.83 -5.65
C1 AKG D . 2.96 0.65 -7.03
O1 AKG D . 2.49 1.65 -6.55
O2 AKG D . 4.23 0.61 -7.48
C2 AKG D . 2.17 -0.61 -7.17
O5 AKG D . 2.71 -1.63 -7.52
C3 AKG D . 0.70 -0.58 -6.87
C4 AKG D . 0.06 -1.95 -7.10
C5 AKG D . -1.44 -1.90 -7.07
O3 AKG D . -2.02 -0.83 -7.07
O4 AKG D . -2.16 -3.04 -7.06
MN MN E . 4.90 -1.17 -7.10
#